data_5FXR
#
_entry.id   5FXR
#
_cell.length_a   41.252
_cell.length_b   67.331
_cell.length_c   122.166
_cell.angle_alpha   90.00
_cell.angle_beta   90.00
_cell.angle_gamma   90.00
#
_symmetry.space_group_name_H-M   'P 21 21 21'
#
loop_
_entity.id
_entity.type
_entity.pdbx_description
1 polymer 'INSULIN-LIKE GROWTH FACTOR 1 RECEPTOR'
2 non-polymer 5-chloranyl-4-imidazo[1,2-a]pyridin-3-yl-N-(3-methyl-1-piperidin-4-yl-pyrazol-4-yl)pyrimidin-2-amine
3 water water
#
_entity_poly.entity_id   1
_entity_poly.type   'polypeptide(L)'
_entity_poly.pdbx_seq_one_letter_code
;GYFSAADVYVPDEWEVAREKITMSRELGQGSFGMVYEGVAKGVVKDEPETRVAIKTVNEAASMRERIEFLNEASVMKEFN
CHHVVRLLGVVSQGQPTLVIMELMTRGDLKSYLRSLRPEMENNPVLAPPSLSKMIQMAGEIADGMAYLNANKFVHRDLAA
RNCMVAEDFTVKIGDFGMTRDIYETDYYRKGGKGLLPVRWMSPESLKDGVFTTYSDVWSFGVVLWEIATLAEQPYQGLSN
EQVLRFVMEGGLLDKPDNCPDMLFELMRMCWQYNPKMRPSFLEIISSIKEEMEPGFREVSFYYSEENK
;
_entity_poly.pdbx_strand_id   A
#
# COMPACT_ATOMS: atom_id res chain seq x y z
N GLY A 1 -12.51 -40.49 -9.20
CA GLY A 1 -11.61 -39.87 -10.21
C GLY A 1 -10.97 -38.56 -9.77
N TYR A 2 -11.58 -37.46 -10.19
CA TYR A 2 -11.01 -36.12 -9.91
C TYR A 2 -11.95 -34.93 -10.12
N PHE A 3 -11.45 -33.79 -9.68
CA PHE A 3 -12.09 -32.47 -9.84
C PHE A 3 -11.35 -31.61 -10.88
N SER A 4 -12.07 -31.22 -11.90
CA SER A 4 -11.44 -30.57 -13.09
C SER A 4 -10.67 -29.27 -12.82
N ALA A 6 -9.52 -25.98 -14.32
CA ALA A 6 -9.41 -25.09 -15.47
C ALA A 6 -9.85 -23.67 -15.11
N ASP A 7 -8.89 -22.76 -15.28
CA ASP A 7 -9.02 -21.33 -14.89
C ASP A 7 -9.50 -20.40 -15.98
N VAL A 8 -10.49 -19.60 -15.59
CA VAL A 8 -11.09 -18.64 -16.52
C VAL A 8 -11.20 -17.23 -15.96
N TYR A 9 -11.37 -16.29 -16.87
CA TYR A 9 -11.87 -14.96 -16.49
C TYR A 9 -13.26 -14.71 -17.04
N VAL A 10 -14.13 -14.30 -16.13
CA VAL A 10 -15.53 -14.07 -16.42
C VAL A 10 -15.85 -12.59 -16.44
N PRO A 11 -16.11 -12.03 -17.64
CA PRO A 11 -16.52 -10.64 -17.74
C PRO A 11 -17.69 -10.31 -16.83
N ASP A 12 -17.61 -9.12 -16.27
CA ASP A 12 -18.67 -8.57 -15.42
C ASP A 12 -18.87 -7.08 -15.63
N GLU A 13 -19.40 -6.46 -14.60
CA GLU A 13 -19.90 -5.07 -14.66
C GLU A 13 -18.78 -4.04 -14.69
N TRP A 14 -17.57 -4.53 -14.55
CA TRP A 14 -16.36 -3.68 -14.52
C TRP A 14 -15.81 -3.57 -15.94
N GLU A 15 -16.34 -4.43 -16.80
CA GLU A 15 -15.92 -4.43 -18.19
C GLU A 15 -16.17 -3.06 -18.79
N VAL A 16 -15.12 -2.52 -19.40
CA VAL A 16 -15.12 -1.21 -20.03
C VAL A 16 -14.67 -1.29 -21.48
N ALA A 17 -15.30 -0.44 -22.30
CA ALA A 17 -15.04 -0.36 -23.74
C ALA A 17 -13.68 0.23 -24.03
N ARG A 18 -12.91 -0.52 -24.80
CA ARG A 18 -11.54 -0.17 -25.12
C ARG A 18 -11.46 1.23 -25.71
N GLU A 19 -12.46 1.55 -26.51
N GLU A 19 -12.48 1.55 -26.48
CA GLU A 19 -12.43 2.80 -27.27
CA GLU A 19 -12.49 2.79 -27.27
C GLU A 19 -12.65 4.00 -26.37
C GLU A 19 -12.63 4.00 -26.37
N LYS A 20 -12.61 3.74 -25.08
CA LYS A 20 -12.97 4.73 -24.08
C LYS A 20 -11.75 5.06 -23.27
N ILE A 21 -10.70 4.34 -23.66
CA ILE A 21 -9.38 4.35 -22.99
C ILE A 21 -8.26 4.83 -23.89
N THR A 22 -7.43 5.68 -23.32
CA THR A 22 -6.20 6.12 -23.98
C THR A 22 -5.03 6.20 -23.00
N MET A 23 -3.88 5.80 -23.55
CA MET A 23 -2.61 5.67 -22.80
C MET A 23 -1.58 6.62 -23.32
N SER A 24 -0.79 7.15 -22.40
CA SER A 24 0.32 8.03 -22.77
C SER A 24 1.61 7.64 -22.07
N ARG A 25 1.95 8.42 -21.05
CA ARG A 25 3.21 8.30 -20.28
C ARG A 25 3.30 6.95 -19.57
N GLU A 26 4.43 6.26 -19.76
CA GLU A 26 4.66 4.96 -19.10
C GLU A 26 5.12 5.26 -17.69
N LEU A 27 4.58 4.48 -16.75
CA LEU A 27 4.87 4.68 -15.33
C LEU A 27 5.93 3.70 -14.87
N GLY A 28 6.01 2.60 -15.59
CA GLY A 28 6.94 1.55 -15.29
C GLY A 28 6.48 0.22 -15.82
N GLN A 29 7.02 -0.82 -15.21
CA GLN A 29 6.71 -2.18 -15.60
C GLN A 29 6.51 -3.08 -14.40
N GLY A 30 5.36 -3.75 -14.42
CA GLY A 30 5.02 -4.76 -13.43
C GLY A 30 5.32 -6.16 -13.95
N SER A 31 4.80 -7.13 -13.22
CA SER A 31 5.16 -8.54 -13.44
C SER A 31 4.56 -9.03 -14.75
N PHE A 32 3.34 -8.56 -14.96
CA PHE A 32 2.52 -9.07 -16.06
CA PHE A 32 2.41 -8.97 -16.01
C PHE A 32 2.72 -8.24 -17.30
N GLY A 33 3.31 -7.08 -17.10
CA GLY A 33 3.60 -6.16 -18.18
C GLY A 33 3.70 -4.71 -17.80
N MET A 34 3.65 -3.89 -18.84
CA MET A 34 3.91 -2.46 -18.73
C MET A 34 2.70 -1.73 -18.20
N VAL A 35 2.99 -0.68 -17.44
CA VAL A 35 2.00 0.14 -16.78
C VAL A 35 2.09 1.57 -17.25
N TYR A 36 0.93 2.07 -17.65
CA TYR A 36 0.81 3.40 -18.24
C TYR A 36 -0.15 4.28 -17.51
N GLU A 37 0.10 5.57 -17.70
CA GLU A 37 -0.85 6.60 -17.33
C GLU A 37 -1.72 6.91 -18.51
N GLY A 38 -2.93 7.38 -18.23
CA GLY A 38 -3.86 7.77 -19.28
C GLY A 38 -5.13 8.42 -18.85
N VAL A 39 -6.12 8.26 -19.71
CA VAL A 39 -7.47 8.81 -19.57
C VAL A 39 -8.54 7.77 -19.89
N ALA A 40 -9.47 7.65 -18.97
CA ALA A 40 -10.65 6.82 -19.12
C ALA A 40 -11.90 7.68 -19.11
N LYS A 41 -12.76 7.41 -20.07
CA LYS A 41 -14.03 8.12 -20.16
C LYS A 41 -15.13 7.33 -19.49
N GLY A 42 -15.88 8.05 -18.67
CA GLY A 42 -17.12 7.58 -18.07
C GLY A 42 -17.00 6.46 -17.07
N VAL A 43 -15.92 6.47 -16.28
CA VAL A 43 -15.66 5.39 -15.30
C VAL A 43 -15.77 5.86 -13.86
N VAL A 44 -15.89 7.17 -13.71
CA VAL A 44 -16.26 7.77 -12.41
C VAL A 44 -17.50 8.61 -12.61
N LYS A 45 -18.46 8.41 -11.70
CA LYS A 45 -19.73 9.12 -11.74
C LYS A 45 -19.48 10.60 -11.81
N ASP A 46 -20.18 11.23 -12.75
CA ASP A 46 -20.25 12.68 -12.88
C ASP A 46 -18.92 13.28 -13.30
N GLU A 47 -18.05 12.38 -13.75
CA GLU A 47 -16.78 12.76 -14.37
C GLU A 47 -16.75 12.24 -15.82
N PRO A 48 -16.83 13.15 -16.80
CA PRO A 48 -16.74 12.74 -18.18
C PRO A 48 -15.46 11.95 -18.42
N GLU A 49 -14.39 12.54 -17.89
CA GLU A 49 -13.03 11.99 -18.00
C GLU A 49 -12.28 11.92 -16.69
N THR A 50 -11.52 10.83 -16.59
CA THR A 50 -10.67 10.57 -15.43
C THR A 50 -9.26 10.11 -15.77
N ARG A 51 -8.29 10.74 -15.12
CA ARG A 51 -6.89 10.27 -15.13
C ARG A 51 -6.74 8.95 -14.39
N VAL A 52 -6.11 8.00 -15.07
CA VAL A 52 -5.97 6.65 -14.54
C VAL A 52 -4.63 6.01 -14.80
N ALA A 53 -4.49 4.85 -14.18
CA ALA A 53 -3.34 4.00 -14.39
C ALA A 53 -3.82 2.75 -15.09
N ILE A 54 -3.09 2.39 -16.13
CA ILE A 54 -3.49 1.29 -16.99
C ILE A 54 -2.41 0.22 -17.00
N LYS A 55 -2.76 -0.90 -16.38
CA LYS A 55 -1.87 -2.04 -16.34
C LYS A 55 -2.17 -2.93 -17.52
N THR A 56 -1.12 -3.34 -18.20
CA THR A 56 -1.26 -4.12 -19.43
C THR A 56 -0.52 -5.43 -19.35
N VAL A 57 -1.05 -6.37 -20.10
CA VAL A 57 -0.37 -7.65 -20.36
C VAL A 57 0.16 -7.71 -21.80
N GLU A 59 1.31 -9.39 -24.34
CA GLU A 59 0.56 -9.74 -25.53
C GLU A 59 1.08 -10.75 -26.59
N ALA A 60 2.38 -10.98 -26.85
CA ALA A 60 3.38 -11.89 -26.19
C ALA A 60 2.94 -12.96 -25.20
N ALA A 61 2.22 -12.49 -24.23
CA ALA A 61 1.93 -13.26 -23.02
C ALA A 61 1.00 -14.43 -23.34
N SER A 62 1.07 -15.45 -22.50
CA SER A 62 0.21 -16.61 -22.69
C SER A 62 -1.16 -16.33 -22.13
N MET A 63 -2.11 -17.16 -22.52
CA MET A 63 -3.49 -16.97 -22.10
C MET A 63 -3.64 -17.30 -20.62
N ARG A 64 -2.80 -18.23 -20.17
CA ARG A 64 -2.84 -18.67 -18.76
C ARG A 64 -2.41 -17.49 -17.92
N GLU A 65 -1.46 -16.75 -18.47
CA GLU A 65 -0.82 -15.64 -17.77
C GLU A 65 -1.82 -14.51 -17.64
N ARG A 66 -2.39 -14.10 -18.76
CA ARG A 66 -3.31 -12.96 -18.77
C ARG A 66 -4.58 -13.27 -18.00
N ILE A 67 -4.89 -14.56 -17.85
CA ILE A 67 -6.11 -14.94 -17.10
C ILE A 67 -5.84 -14.67 -15.62
N GLU A 68 -4.60 -14.96 -15.26
CA GLU A 68 -4.16 -14.97 -13.86
C GLU A 68 -3.98 -13.52 -13.39
N PHE A 69 -3.55 -12.70 -14.33
CA PHE A 69 -3.37 -11.25 -14.10
C PHE A 69 -4.75 -10.62 -13.91
N LEU A 70 -5.70 -11.19 -14.62
CA LEU A 70 -7.09 -10.71 -14.61
C LEU A 70 -7.73 -10.99 -13.26
N ASN A 71 -7.61 -12.23 -12.81
CA ASN A 71 -8.26 -12.69 -11.57
C ASN A 71 -7.63 -12.09 -10.30
N GLU A 72 -6.35 -11.80 -10.43
CA GLU A 72 -5.56 -11.30 -9.29
C GLU A 72 -5.91 -9.81 -9.08
N ALA A 73 -5.95 -9.08 -10.19
CA ALA A 73 -6.26 -7.65 -10.18
C ALA A 73 -7.69 -7.42 -9.68
N SER A 74 -8.53 -8.40 -10.01
CA SER A 74 -9.97 -8.33 -9.69
C SER A 74 -10.20 -8.33 -8.20
N VAL A 75 -9.16 -8.65 -7.43
CA VAL A 75 -9.32 -8.80 -5.98
C VAL A 75 -9.80 -7.45 -5.45
N MET A 76 -9.36 -6.40 -6.14
CA MET A 76 -9.58 -5.00 -5.71
C MET A 76 -11.04 -4.58 -5.93
N LYS A 77 -11.81 -5.46 -6.58
CA LYS A 77 -13.18 -5.09 -6.98
C LYS A 77 -14.10 -4.96 -5.79
N GLU A 78 -13.73 -5.57 -4.67
CA GLU A 78 -14.65 -5.63 -3.50
C GLU A 78 -14.38 -4.55 -2.50
N PHE A 79 -13.62 -3.55 -2.94
CA PHE A 79 -13.23 -2.42 -2.08
C PHE A 79 -13.61 -1.07 -2.65
N ASN A 80 -14.20 -0.31 -1.76
CA ASN A 80 -14.67 1.05 -2.05
C ASN A 80 -14.33 1.99 -0.90
N CYS A 81 -13.12 2.49 -0.94
CA CYS A 81 -12.60 3.31 0.14
C CYS A 81 -11.64 4.39 -0.32
N HIS A 82 -11.81 5.57 0.26
CA HIS A 82 -11.04 6.74 -0.18
C HIS A 82 -9.57 6.47 0.13
N HIS A 83 -9.32 5.60 1.09
CA HIS A 83 -7.93 5.36 1.53
C HIS A 83 -7.39 4.02 1.05
N VAL A 84 -8.02 3.55 -0.02
CA VAL A 84 -7.58 2.35 -0.75
C VAL A 84 -7.69 2.58 -2.28
N VAL A 85 -6.57 2.35 -2.96
CA VAL A 85 -6.46 2.56 -4.41
C VAL A 85 -7.48 1.71 -5.14
N ARG A 86 -8.27 2.38 -5.97
CA ARG A 86 -9.43 1.77 -6.65
C ARG A 86 -9.10 1.08 -7.96
N LEU A 87 -9.88 0.04 -8.23
CA LEU A 87 -10.00 -0.51 -9.59
C LEU A 87 -11.19 0.15 -10.26
N LEU A 88 -10.93 0.73 -11.42
CA LEU A 88 -11.92 1.56 -12.14
C LEU A 88 -12.59 0.83 -13.31
N GLY A 89 -11.90 -0.16 -13.85
CA GLY A 89 -12.42 -0.96 -14.95
C GLY A 89 -11.49 -2.01 -15.48
N VAL A 90 -12.05 -2.85 -16.32
CA VAL A 90 -11.26 -3.87 -17.01
C VAL A 90 -11.56 -3.91 -18.51
N VAL A 91 -10.51 -4.10 -19.28
CA VAL A 91 -10.65 -4.41 -20.69
C VAL A 91 -10.05 -5.78 -20.98
N SER A 92 -10.91 -6.78 -20.95
CA SER A 92 -10.50 -8.17 -21.13
C SER A 92 -10.86 -8.69 -22.51
N GLN A 93 -11.71 -7.93 -23.19
CA GLN A 93 -12.16 -8.26 -24.56
C GLN A 93 -11.14 -7.68 -25.51
N GLY A 94 -10.49 -8.59 -26.23
CA GLY A 94 -9.44 -8.18 -27.15
C GLY A 94 -8.14 -7.91 -26.41
N GLN A 95 -7.15 -7.51 -27.19
CA GLN A 95 -5.82 -7.29 -26.66
C GLN A 95 -5.27 -5.95 -27.14
N PRO A 96 -4.38 -5.35 -26.33
CA PRO A 96 -3.93 -6.01 -25.13
C PRO A 96 -4.90 -5.89 -23.98
N THR A 97 -4.79 -6.88 -23.10
CA THR A 97 -5.50 -6.92 -21.80
C THR A 97 -5.18 -5.70 -20.93
N LEU A 98 -6.22 -5.10 -20.41
CA LEU A 98 -6.10 -3.89 -19.60
C LEU A 98 -6.86 -4.00 -18.30
N VAL A 99 -6.24 -3.43 -17.27
CA VAL A 99 -6.92 -3.13 -16.01
C VAL A 99 -6.76 -1.64 -15.74
N ILE A 100 -7.88 -0.98 -15.53
CA ILE A 100 -7.91 0.47 -15.31
C ILE A 100 -8.00 0.73 -13.80
N MET A 101 -7.00 1.45 -13.30
CA MET A 101 -6.88 1.76 -11.86
C MET A 101 -6.86 3.26 -11.57
N GLU A 102 -7.19 3.58 -10.34
CA GLU A 102 -7.00 4.94 -9.83
C GLU A 102 -5.54 5.33 -9.96
N LEU A 103 -5.32 6.49 -10.55
CA LEU A 103 -3.97 7.07 -10.70
C LEU A 103 -3.47 7.72 -9.40
N MET A 104 -2.25 7.31 -9.03
CA MET A 104 -1.52 7.85 -7.89
C MET A 104 -0.21 8.46 -8.39
N THR A 105 -0.28 9.76 -8.69
CA THR A 105 0.72 10.41 -9.57
C THR A 105 2.06 10.44 -8.89
N ARG A 106 2.03 10.47 -7.57
CA ARG A 106 3.24 10.63 -6.76
C ARG A 106 3.80 9.30 -6.30
N GLY A 107 3.26 8.23 -6.86
CA GLY A 107 3.81 6.89 -6.68
C GLY A 107 3.66 6.20 -5.36
N ASP A 108 4.51 5.20 -5.18
CA ASP A 108 4.52 4.36 -3.95
C ASP A 108 5.17 5.18 -2.88
N LEU A 109 4.69 5.00 -1.64
CA LEU A 109 5.02 5.89 -0.52
C LEU A 109 6.50 5.81 -0.19
N LYS A 110 7.10 4.66 -0.47
CA LYS A 110 8.51 4.46 -0.09
C LYS A 110 9.36 5.34 -0.97
N SER A 111 8.94 5.42 -2.21
CA SER A 111 9.61 6.22 -3.24
C SER A 111 9.37 7.70 -3.00
N TYR A 112 8.16 8.03 -2.59
CA TYR A 112 7.81 9.45 -2.32
C TYR A 112 8.66 9.93 -1.15
N LEU A 113 8.79 9.04 -0.18
CA LEU A 113 9.48 9.36 1.08
C LEU A 113 10.95 9.64 0.76
N ARG A 114 11.48 8.85 -0.15
CA ARG A 114 12.93 8.92 -0.47
C ARG A 114 13.25 10.18 -1.23
N SER A 115 12.25 10.69 -1.93
CA SER A 115 12.40 11.87 -2.80
C SER A 115 12.50 13.17 -1.99
N LEU A 116 12.19 13.03 -0.71
CA LEU A 116 12.17 14.16 0.21
C LEU A 116 13.50 14.25 0.95
N ARG A 117 14.34 13.26 0.69
CA ARG A 117 15.69 13.23 1.28
C ARG A 117 16.44 14.40 0.63
N PRO A 118 17.22 15.15 1.40
CA PRO A 118 17.96 16.22 0.74
C PRO A 118 19.06 15.65 -0.14
N GLU A 119 19.07 16.06 -1.39
CA GLU A 119 20.17 15.66 -2.26
C GLU A 119 21.47 16.33 -1.85
N MET A 120 22.53 15.74 -2.36
CA MET A 120 23.89 16.01 -1.92
C MET A 120 24.50 17.15 -2.71
N GLU A 121 23.64 18.10 -3.06
CA GLU A 121 24.07 19.37 -3.66
C GLU A 121 23.90 20.52 -2.67
N ASN A 122 24.12 21.72 -3.17
CA ASN A 122 24.21 22.93 -2.31
C ASN A 122 22.93 23.70 -2.33
N ASN A 123 21.91 23.05 -2.87
CA ASN A 123 20.67 23.70 -3.24
C ASN A 123 19.70 23.75 -2.08
N PRO A 124 18.93 24.84 -2.01
CA PRO A 124 17.88 24.93 -1.01
C PRO A 124 16.97 23.72 -1.12
N VAL A 125 16.45 23.34 0.04
CA VAL A 125 15.67 22.13 0.20
C VAL A 125 14.52 22.29 1.20
N LEU A 126 13.39 21.72 0.83
CA LEU A 126 12.24 21.64 1.76
C LEU A 126 12.64 20.94 3.03
N ALA A 127 12.18 21.50 4.15
CA ALA A 127 12.43 20.89 5.48
C ALA A 127 11.75 19.52 5.58
N PRO A 128 12.25 18.65 6.46
CA PRO A 128 11.63 17.32 6.61
C PRO A 128 10.17 17.44 7.00
N PRO A 129 9.36 16.44 6.66
CA PRO A 129 7.93 16.55 6.96
C PRO A 129 7.66 16.81 8.41
N SER A 130 6.69 17.68 8.61
CA SER A 130 6.26 18.09 9.95
C SER A 130 5.47 16.98 10.62
N LEU A 131 5.38 17.09 11.94
CA LEU A 131 4.58 16.15 12.75
C LEU A 131 3.22 15.99 12.09
N SER A 132 2.65 17.14 11.79
CA SER A 132 1.26 17.21 11.38
C SER A 132 1.02 16.48 10.07
N LYS A 133 1.91 16.70 9.12
CA LYS A 133 1.79 16.02 7.82
C LYS A 133 1.99 14.51 7.98
N MET A 134 2.84 14.17 8.93
CA MET A 134 3.23 12.76 9.15
C MET A 134 2.05 12.01 9.74
N ILE A 135 1.36 12.70 10.63
CA ILE A 135 0.15 12.19 11.31
C ILE A 135 -0.98 12.02 10.31
N GLN A 136 -1.08 12.97 9.41
CA GLN A 136 -2.10 12.94 8.36
C GLN A 136 -1.94 11.63 7.56
N MET A 137 -0.70 11.28 7.29
CA MET A 137 -0.41 10.07 6.50
C MET A 137 -0.77 8.86 7.31
N ALA A 138 -0.42 8.90 8.60
CA ALA A 138 -0.63 7.77 9.52
C ALA A 138 -2.12 7.43 9.64
N GLY A 139 -2.94 8.47 9.64
CA GLY A 139 -4.37 8.33 9.81
C GLY A 139 -5.06 7.85 8.55
N GLU A 140 -4.53 8.26 7.41
CA GLU A 140 -5.07 7.85 6.12
C GLU A 140 -4.79 6.35 5.93
N ILE A 141 -3.53 6.01 6.15
CA ILE A 141 -3.08 4.61 6.08
C ILE A 141 -3.92 3.76 7.06
N ALA A 142 -4.05 4.23 8.30
CA ALA A 142 -4.76 3.48 9.34
C ALA A 142 -6.23 3.26 8.96
N ASP A 143 -6.78 4.24 8.26
CA ASP A 143 -8.22 4.26 7.91
C ASP A 143 -8.49 3.18 6.85
N GLY A 144 -7.58 3.09 5.88
CA GLY A 144 -7.63 2.07 4.83
C GLY A 144 -7.51 0.68 5.43
N MET A 145 -6.70 0.58 6.48
CA MET A 145 -6.38 -0.70 7.13
C MET A 145 -7.58 -1.15 7.96
N ALA A 146 -8.20 -0.17 8.59
CA ALA A 146 -9.37 -0.41 9.41
C ALA A 146 -10.50 -0.92 8.50
N TYR A 147 -10.61 -0.30 7.34
CA TYR A 147 -11.65 -0.63 6.35
C TYR A 147 -11.43 -2.04 5.88
N LEU A 148 -10.17 -2.36 5.70
CA LEU A 148 -9.78 -3.67 5.17
C LEU A 148 -10.09 -4.73 6.20
N ASN A 149 -9.79 -4.38 7.43
CA ASN A 149 -10.01 -5.28 8.55
C ASN A 149 -11.50 -5.60 8.70
N ALA A 150 -12.31 -4.55 8.61
CA ALA A 150 -13.75 -4.67 8.85
C ALA A 150 -14.36 -5.48 7.73
N ASN A 151 -13.60 -5.59 6.66
CA ASN A 151 -13.97 -6.34 5.47
C ASN A 151 -13.30 -7.71 5.47
N LYS A 152 -12.86 -8.07 6.66
CA LYS A 152 -12.34 -9.42 7.00
C LYS A 152 -10.96 -9.72 6.47
N PHE A 153 -10.31 -8.69 5.96
CA PHE A 153 -8.94 -8.84 5.42
C PHE A 153 -7.81 -8.66 6.39
N VAL A 154 -6.81 -9.49 6.14
CA VAL A 154 -5.47 -9.37 6.72
C VAL A 154 -4.51 -9.12 5.57
N HIS A 155 -3.74 -8.05 5.68
CA HIS A 155 -2.90 -7.54 4.56
C HIS A 155 -1.65 -8.35 4.32
N ARG A 156 -0.88 -8.47 5.39
CA ARG A 156 0.30 -9.35 5.48
C ARG A 156 1.56 -8.75 4.89
N ASP A 157 1.39 -7.67 4.17
CA ASP A 157 2.55 -7.00 3.59
C ASP A 157 2.47 -5.50 3.68
N LEU A 158 2.08 -5.02 4.84
CA LEU A 158 1.91 -3.58 5.05
C LEU A 158 3.29 -2.96 5.21
N ALA A 159 3.50 -1.91 4.43
CA ALA A 159 4.80 -1.27 4.26
C ALA A 159 4.65 -0.06 3.36
N ALA A 160 5.62 0.84 3.45
CA ALA A 160 5.55 2.07 2.67
C ALA A 160 5.51 1.75 1.18
N ARG A 161 6.23 0.71 0.78
CA ARG A 161 6.31 0.36 -0.64
C ARG A 161 4.92 -0.07 -1.14
N ASN A 162 4.07 -0.42 -0.18
CA ASN A 162 2.76 -1.06 -0.49
C ASN A 162 1.62 -0.11 -0.24
N CYS A 163 2.03 1.13 -0.06
CA CYS A 163 1.15 2.30 -0.07
C CYS A 163 1.55 3.14 -1.26
N MET A 164 0.56 3.89 -1.73
CA MET A 164 0.74 4.89 -2.79
C MET A 164 0.30 6.26 -2.32
N VAL A 165 0.68 7.25 -3.11
CA VAL A 165 0.50 8.67 -2.79
C VAL A 165 -0.15 9.40 -3.99
N ALA A 166 -1.27 10.04 -3.75
CA ALA A 166 -2.03 10.70 -4.82
C ALA A 166 -1.48 12.07 -5.13
N GLU A 167 -2.09 12.69 -6.13
CA GLU A 167 -1.65 14.01 -6.60
C GLU A 167 -1.75 15.05 -5.49
N ASP A 168 -2.78 14.89 -4.65
CA ASP A 168 -3.10 15.87 -3.59
C ASP A 168 -2.43 15.48 -2.26
N PHE A 169 -1.62 14.45 -2.37
CA PHE A 169 -0.72 13.97 -1.31
C PHE A 169 -1.37 12.94 -0.40
N THR A 170 -2.67 12.75 -0.60
CA THR A 170 -3.41 11.68 0.07
C THR A 170 -2.71 10.33 -0.09
N VAL A 171 -2.52 9.67 1.04
CA VAL A 171 -1.90 8.34 1.06
C VAL A 171 -2.98 7.29 1.16
N LYS A 172 -2.74 6.23 0.40
CA LYS A 172 -3.67 5.10 0.33
C LYS A 172 -2.97 3.75 0.30
N ILE A 173 -3.69 2.77 0.82
CA ILE A 173 -3.29 1.38 0.74
C ILE A 173 -3.20 1.04 -0.75
N GLY A 174 -2.03 0.58 -1.15
CA GLY A 174 -1.75 0.35 -2.56
C GLY A 174 -2.46 -0.82 -3.17
N ASP A 175 -2.54 -0.74 -4.49
CA ASP A 175 -2.92 -1.90 -5.34
C ASP A 175 -2.09 -3.11 -4.89
N PHE A 176 -2.76 -4.22 -4.65
CA PHE A 176 -2.11 -5.42 -4.08
C PHE A 176 -1.05 -6.04 -4.99
N GLY A 177 0.18 -6.00 -4.49
CA GLY A 177 1.28 -6.83 -5.02
C GLY A 177 2.14 -6.17 -6.08
N MET A 178 2.07 -4.84 -6.11
CA MET A 178 2.57 -4.08 -7.24
C MET A 178 4.01 -3.57 -7.12
N THR A 179 4.63 -3.75 -5.97
CA THR A 179 6.03 -3.28 -5.77
C THR A 179 7.00 -4.30 -5.17
N ARG A 180 6.52 -5.53 -5.04
CA ARG A 180 7.27 -6.65 -4.40
C ARG A 180 8.62 -6.88 -5.05
N ASP A 181 8.61 -7.06 -6.36
CA ASP A 181 9.83 -7.44 -7.09
C ASP A 181 10.84 -6.28 -7.11
N ILE A 182 10.29 -5.07 -7.23
CA ILE A 182 11.08 -3.84 -7.35
C ILE A 182 11.96 -3.62 -6.11
N TYR A 183 11.34 -3.79 -4.95
CA TYR A 183 12.03 -3.68 -3.65
C TYR A 183 12.40 -5.05 -3.09
N GLU A 184 13.02 -5.85 -3.94
CA GLU A 184 13.25 -7.28 -3.65
C GLU A 184 14.10 -7.50 -2.39
N THR A 185 15.00 -6.57 -2.10
CA THR A 185 15.86 -6.69 -0.89
C THR A 185 15.10 -6.51 0.41
N ASP A 186 13.86 -6.04 0.30
CA ASP A 186 12.97 -5.89 1.45
C ASP A 186 12.34 -7.23 1.83
N TYR A 187 12.69 -8.24 1.06
CA TYR A 187 12.19 -9.61 1.26
C TYR A 187 13.30 -10.59 1.55
N TYR A 188 12.93 -11.63 2.28
CA TYR A 188 13.87 -12.70 2.64
C TYR A 188 13.17 -14.04 2.69
N ARG A 189 13.82 -15.01 2.09
CA ARG A 189 13.26 -16.36 1.96
C ARG A 189 13.47 -17.19 3.22
N LYS A 190 12.75 -16.79 4.25
CA LYS A 190 12.87 -17.40 5.59
C LYS A 190 12.73 -18.92 5.53
N GLY A 194 9.42 -19.40 1.16
CA GLY A 194 8.52 -18.25 1.03
C GLY A 194 9.23 -16.92 1.22
N LEU A 195 9.18 -16.12 0.17
CA LEU A 195 9.74 -14.75 0.15
C LEU A 195 8.86 -13.90 1.06
N LEU A 196 9.45 -13.47 2.16
CA LEU A 196 8.72 -12.73 3.19
C LEU A 196 9.44 -11.42 3.59
N PRO A 197 8.65 -10.40 3.97
CA PRO A 197 9.13 -9.09 4.38
C PRO A 197 9.46 -9.06 5.84
N VAL A 198 10.52 -9.78 6.14
CA VAL A 198 10.91 -10.05 7.53
C VAL A 198 11.13 -8.81 8.43
N ARG A 199 11.58 -7.71 7.84
CA ARG A 199 11.85 -6.46 8.63
C ARG A 199 10.58 -5.75 9.07
N TRP A 200 9.46 -6.21 8.52
CA TRP A 200 8.13 -5.60 8.77
C TRP A 200 7.25 -6.53 9.60
N MET A 201 7.83 -7.66 10.00
CA MET A 201 7.06 -8.76 10.59
C MET A 201 7.04 -8.77 12.09
N SER A 202 5.87 -9.14 12.61
CA SER A 202 5.66 -9.24 14.06
C SER A 202 6.43 -10.42 14.65
N PRO A 203 6.65 -10.42 15.96
CA PRO A 203 7.39 -11.52 16.55
C PRO A 203 6.64 -12.83 16.39
N GLU A 204 5.33 -12.75 16.49
CA GLU A 204 4.48 -13.96 16.46
C GLU A 204 4.48 -14.55 15.07
N SER A 205 4.58 -13.68 14.08
CA SER A 205 4.57 -14.10 12.65
C SER A 205 5.92 -14.68 12.24
N LEU A 206 6.95 -14.22 12.93
CA LEU A 206 8.32 -14.74 12.72
C LEU A 206 8.39 -16.15 13.29
N LYS A 207 7.61 -16.36 14.34
CA LYS A 207 7.51 -17.66 15.02
C LYS A 207 6.71 -18.70 14.24
N ASP A 208 5.41 -18.43 14.07
CA ASP A 208 4.46 -19.46 13.56
C ASP A 208 3.97 -19.26 12.13
N GLY A 209 4.37 -18.16 11.51
CA GLY A 209 4.02 -17.88 10.09
C GLY A 209 2.58 -17.43 9.84
N VAL A 210 1.89 -17.14 10.94
CA VAL A 210 0.51 -16.63 10.94
C VAL A 210 0.42 -15.09 11.07
N PHE A 211 -0.45 -14.54 10.22
CA PHE A 211 -0.72 -13.10 10.16
C PHE A 211 -2.15 -12.77 10.60
N THR A 212 -2.24 -11.74 11.43
CA THR A 212 -3.52 -11.21 11.90
C THR A 212 -3.60 -9.72 11.69
N THR A 213 -4.71 -9.14 12.11
CA THR A 213 -4.87 -7.70 12.00
C THR A 213 -3.87 -7.05 12.95
N TYR A 214 -3.54 -7.80 13.99
CA TYR A 214 -2.71 -7.30 15.09
C TYR A 214 -1.24 -7.27 14.67
N SER A 215 -0.90 -8.13 13.72
CA SER A 215 0.44 -8.12 13.13
C SER A 215 0.50 -7.14 11.95
N ASP A 216 -0.67 -6.69 11.50
CA ASP A 216 -0.76 -5.64 10.46
C ASP A 216 -0.50 -4.30 11.18
N VAL A 217 -0.86 -4.28 12.46
CA VAL A 217 -0.67 -3.07 13.30
C VAL A 217 0.83 -2.91 13.57
N TRP A 218 1.49 -4.03 13.83
CA TRP A 218 2.94 -4.04 14.04
C TRP A 218 3.63 -3.41 12.86
N SER A 219 3.23 -3.88 11.69
CA SER A 219 3.83 -3.42 10.45
C SER A 219 3.51 -1.96 10.23
N PHE A 220 2.36 -1.56 10.73
CA PHE A 220 1.95 -0.14 10.62
C PHE A 220 2.92 0.71 11.41
N GLY A 221 3.31 0.17 12.56
CA GLY A 221 4.31 0.79 13.43
C GLY A 221 5.58 1.06 12.63
N VAL A 222 6.00 0.03 11.91
CA VAL A 222 7.19 0.11 11.06
C VAL A 222 6.99 1.14 9.93
N VAL A 223 5.75 1.31 9.49
CA VAL A 223 5.48 2.21 8.34
C VAL A 223 5.66 3.63 8.82
N LEU A 224 5.40 3.82 10.11
CA LEU A 224 5.49 5.14 10.74
C LEU A 224 6.96 5.49 10.93
N TRP A 225 7.72 4.46 11.24
CA TRP A 225 9.18 4.58 11.41
C TRP A 225 9.76 4.93 10.06
N GLU A 226 9.16 4.32 9.05
CA GLU A 226 9.59 4.54 7.66
C GLU A 226 9.43 6.02 7.32
N ILE A 227 8.28 6.56 7.72
CA ILE A 227 7.97 7.96 7.43
C ILE A 227 8.97 8.87 8.13
N ALA A 228 9.25 8.57 9.38
CA ALA A 228 10.12 9.40 10.24
C ALA A 228 11.58 9.38 9.81
N THR A 229 11.98 8.31 9.14
CA THR A 229 13.40 8.14 8.72
C THR A 229 13.54 8.41 7.22
N LEU A 230 12.41 8.70 6.61
CA LEU A 230 12.34 8.89 5.16
C LEU A 230 12.78 7.63 4.41
N ALA A 231 12.29 6.51 4.89
CA ALA A 231 12.37 5.24 4.16
C ALA A 231 13.77 4.63 4.15
N GLU A 232 14.40 4.67 5.31
CA GLU A 232 15.58 3.82 5.59
C GLU A 232 15.16 2.36 5.78
N GLN A 233 16.11 1.46 5.56
CA GLN A 233 15.89 0.02 5.80
C GLN A 233 15.85 -0.22 7.31
N PRO A 234 14.76 -0.82 7.82
CA PRO A 234 14.74 -1.16 9.25
C PRO A 234 15.80 -2.19 9.61
N TYR A 235 16.37 -1.98 10.78
CA TYR A 235 17.43 -2.84 11.32
C TYR A 235 18.60 -2.85 10.34
N GLN A 236 18.72 -1.69 9.72
CA GLN A 236 19.86 -1.27 8.87
C GLN A 236 21.12 -2.16 8.95
N GLY A 237 21.74 -2.24 10.12
CA GLY A 237 22.99 -2.98 10.25
C GLY A 237 22.86 -4.49 10.40
N LEU A 238 21.67 -4.94 10.77
CA LEU A 238 21.40 -6.36 11.01
C LEU A 238 21.15 -7.15 9.74
N SER A 239 21.81 -8.30 9.65
CA SER A 239 21.47 -9.29 8.60
C SER A 239 20.05 -9.80 8.80
N ASN A 240 19.57 -10.48 7.78
CA ASN A 240 18.18 -10.95 7.74
C ASN A 240 17.94 -11.87 8.91
N GLU A 241 18.91 -12.76 9.08
CA GLU A 241 18.87 -13.74 10.15
C GLU A 241 18.91 -13.09 11.52
N GLN A 242 19.75 -12.08 11.65
CA GLN A 242 19.93 -11.39 12.94
C GLN A 242 18.67 -10.62 13.32
N VAL A 243 17.88 -10.25 12.29
CA VAL A 243 16.61 -9.53 12.52
C VAL A 243 15.60 -10.45 13.20
N LEU A 244 15.62 -11.70 12.77
CA LEU A 244 14.64 -12.68 13.27
C LEU A 244 14.78 -12.81 14.77
N ARG A 245 16.03 -12.89 15.20
CA ARG A 245 16.35 -13.20 16.60
C ARG A 245 16.07 -11.98 17.45
N PHE A 246 16.59 -10.86 16.96
CA PHE A 246 16.44 -9.56 17.60
C PHE A 246 14.96 -9.29 17.87
N VAL A 247 14.13 -9.46 16.85
CA VAL A 247 12.72 -9.07 16.95
C VAL A 247 11.93 -10.09 17.79
N MET A 248 12.20 -11.36 17.55
CA MET A 248 11.52 -12.44 18.29
C MET A 248 11.88 -12.41 19.76
N GLU A 249 13.04 -11.80 20.05
CA GLU A 249 13.60 -11.74 21.41
C GLU A 249 13.31 -10.41 22.08
N GLY A 250 12.38 -9.68 21.48
CA GLY A 250 11.80 -8.49 22.12
C GLY A 250 12.53 -7.21 21.77
N GLY A 251 13.44 -7.34 20.82
CA GLY A 251 14.16 -6.19 20.27
C GLY A 251 13.25 -5.24 19.52
N LEU A 252 13.69 -3.99 19.48
CA LEU A 252 12.90 -2.88 18.91
C LEU A 252 13.70 -1.83 18.15
N LEU A 253 13.03 -1.29 17.14
CA LEU A 253 13.54 -0.17 16.35
C LEU A 253 13.76 1.05 17.26
N ASP A 254 14.82 1.77 16.93
CA ASP A 254 15.21 2.99 17.69
C ASP A 254 14.43 4.22 17.28
N LYS A 255 14.14 5.03 18.28
CA LYS A 255 13.54 6.34 18.05
C LYS A 255 14.43 7.14 17.08
N PRO A 256 13.89 7.49 15.90
CA PRO A 256 14.69 8.21 14.94
C PRO A 256 15.08 9.58 15.42
N ASP A 257 16.28 9.96 15.03
CA ASP A 257 16.75 11.33 15.20
C ASP A 257 15.64 12.29 14.79
N ASN A 258 15.32 13.15 15.75
CA ASN A 258 14.40 14.27 15.54
C ASN A 258 12.97 13.86 15.26
N CYS A 259 12.64 12.61 15.58
CA CYS A 259 11.26 12.12 15.47
C CYS A 259 10.46 12.72 16.62
N PRO A 260 9.33 13.38 16.33
CA PRO A 260 8.48 13.90 17.39
C PRO A 260 8.00 12.78 18.31
N ASP A 261 7.94 13.14 19.58
CA ASP A 261 7.66 12.20 20.67
C ASP A 261 6.43 11.36 20.37
N MET A 262 5.42 12.03 19.84
CA MET A 262 4.09 11.45 19.74
C MET A 262 4.04 10.33 18.70
N LEU A 263 4.85 10.50 17.67
CA LEU A 263 4.83 9.59 16.53
C LEU A 263 5.56 8.35 16.99
N PHE A 264 6.55 8.58 17.84
CA PHE A 264 7.33 7.47 18.37
C PHE A 264 6.49 6.70 19.37
N GLU A 265 5.69 7.42 20.13
CA GLU A 265 4.77 6.80 21.09
C GLU A 265 3.79 5.87 20.37
N LEU A 266 3.42 6.29 19.17
CA LEU A 266 2.43 5.55 18.37
C LEU A 266 3.06 4.25 17.91
N MET A 267 4.25 4.42 17.35
CA MET A 267 5.10 3.29 16.97
C MET A 267 5.25 2.32 18.09
N ARG A 268 5.50 2.88 19.26
CA ARG A 268 5.78 2.08 20.46
C ARG A 268 4.58 1.23 20.86
N MET A 269 3.40 1.80 20.72
CA MET A 269 2.14 1.10 21.07
C MET A 269 1.87 -0.05 20.12
N CYS A 270 2.41 0.04 18.91
CA CYS A 270 2.20 -0.97 17.86
C CYS A 270 3.15 -2.13 18.01
N TRP A 271 4.29 -1.86 18.61
CA TRP A 271 5.39 -2.84 18.70
C TRP A 271 5.38 -3.57 20.03
N GLN A 272 4.24 -3.47 20.70
CA GLN A 272 4.08 -4.23 21.93
C GLN A 272 4.17 -5.71 21.62
N TYR A 273 4.95 -6.40 22.44
CA TYR A 273 5.28 -7.81 22.16
C TYR A 273 4.03 -8.66 22.04
N ASN A 274 3.13 -8.45 22.99
CA ASN A 274 1.90 -9.24 23.09
C ASN A 274 0.84 -8.61 22.18
N PRO A 275 0.43 -9.35 21.14
CA PRO A 275 -0.45 -8.80 20.11
C PRO A 275 -1.76 -8.28 20.68
N LYS A 276 -2.10 -8.78 21.86
CA LYS A 276 -3.41 -8.51 22.48
C LYS A 276 -3.39 -7.17 23.19
N MET A 277 -2.20 -6.60 23.29
CA MET A 277 -2.02 -5.32 23.98
C MET A 277 -1.83 -4.14 23.01
N ARG A 278 -1.83 -4.45 21.72
CA ARG A 278 -1.72 -3.44 20.66
C ARG A 278 -3.08 -2.80 20.37
N PRO A 279 -3.08 -1.50 20.05
CA PRO A 279 -4.31 -0.86 19.60
C PRO A 279 -4.78 -1.44 18.28
N SER A 280 -6.09 -1.48 18.12
CA SER A 280 -6.68 -1.76 16.82
C SER A 280 -6.50 -0.54 15.96
N PHE A 281 -6.70 -0.74 14.67
CA PHE A 281 -6.61 0.36 13.70
C PHE A 281 -7.59 1.45 14.03
N LEU A 282 -8.75 1.02 14.49
CA LEU A 282 -9.83 1.96 14.83
C LEU A 282 -9.38 2.79 16.02
N GLU A 283 -8.67 2.11 16.91
CA GLU A 283 -8.27 2.69 18.21
C GLU A 283 -7.17 3.68 17.91
N ILE A 284 -6.37 3.32 16.92
CA ILE A 284 -5.24 4.15 16.52
C ILE A 284 -5.78 5.49 16.02
N ILE A 285 -6.76 5.39 15.13
CA ILE A 285 -7.35 6.57 14.49
C ILE A 285 -8.02 7.47 15.53
N SER A 286 -8.57 6.82 16.54
CA SER A 286 -9.30 7.51 17.60
C SER A 286 -8.37 8.39 18.40
N SER A 287 -7.17 7.87 18.62
CA SER A 287 -6.12 8.58 19.36
C SER A 287 -5.58 9.79 18.58
N ILE A 288 -5.80 9.85 17.27
CA ILE A 288 -5.17 10.96 16.50
C ILE A 288 -6.13 11.75 15.62
N LYS A 289 -7.42 11.58 15.88
CA LYS A 289 -8.48 12.16 15.00
C LYS A 289 -8.50 13.69 15.06
N GLU A 290 -8.05 14.18 16.19
CA GLU A 290 -8.10 15.62 16.49
CA GLU A 290 -8.09 15.61 16.51
C GLU A 290 -7.06 16.33 15.63
N GLU A 291 -6.07 15.55 15.22
CA GLU A 291 -4.91 16.01 14.43
C GLU A 291 -5.12 15.95 12.93
N MET A 292 -6.20 15.27 12.54
CA MET A 292 -6.51 15.02 11.12
C MET A 292 -7.09 16.25 10.43
N GLU A 293 -6.76 16.40 9.16
CA GLU A 293 -7.31 17.48 8.32
C GLU A 293 -8.85 17.42 8.35
N PRO A 294 -9.51 18.59 8.32
CA PRO A 294 -10.97 18.60 8.57
C PRO A 294 -11.76 17.65 7.70
N GLY A 295 -11.29 17.47 6.48
CA GLY A 295 -12.05 16.76 5.44
C GLY A 295 -12.12 15.26 5.64
N PHE A 296 -11.44 14.83 6.69
CA PHE A 296 -11.25 13.41 7.02
C PHE A 296 -12.58 12.85 7.47
N ARG A 297 -13.42 13.76 7.95
CA ARG A 297 -14.75 13.39 8.47
C ARG A 297 -15.62 12.92 7.33
N GLU A 298 -15.35 13.50 6.16
CA GLU A 298 -16.23 13.32 5.01
C GLU A 298 -15.85 12.11 4.20
N VAL A 299 -14.55 11.81 4.19
CA VAL A 299 -13.99 10.77 3.31
C VAL A 299 -13.62 9.45 4.01
N SER A 300 -13.33 9.53 5.31
CA SER A 300 -12.80 8.36 6.05
C SER A 300 -13.83 7.28 6.33
N PHE A 301 -13.32 6.06 6.34
CA PHE A 301 -14.15 4.92 6.77
C PHE A 301 -14.55 5.15 8.23
N TYR A 302 -13.60 5.70 8.96
CA TYR A 302 -13.71 5.84 10.41
C TYR A 302 -15.00 6.57 10.74
N TYR A 303 -15.22 7.66 10.06
CA TYR A 303 -16.32 8.59 10.41
C TYR A 303 -17.59 8.25 9.67
N SER A 304 -17.54 7.20 8.91
CA SER A 304 -18.68 6.84 8.09
C SER A 304 -19.70 5.95 8.81
N GLU A 305 -20.87 5.88 8.19
CA GLU A 305 -21.89 4.90 8.60
C GLU A 305 -21.46 3.56 7.99
#